data_7R97
#
_entry.id   7R97
#
_cell.length_a   56.929
_cell.length_b   65.753
_cell.length_c   84.519
_cell.angle_alpha   90.000
_cell.angle_beta   102.090
_cell.angle_gamma   90.000
#
_symmetry.space_group_name_H-M   'P 1 21 1'
#
loop_
_entity.id
_entity.type
_entity.pdbx_description
1 polymer 'Ribonuclease 3'
2 polymer 'RNA (28-MER)'
3 non-polymer 'MAGNESIUM ION'
4 non-polymer 'CHLORIDE ION'
5 non-polymer 1,2-ETHANEDIOL
6 non-polymer 'POTASSIUM ION'
7 non-polymer 2-AMINO-2-HYDROXYMETHYL-PROPANE-1,3-DIOL
8 water water
#
loop_
_entity_poly.entity_id
_entity_poly.type
_entity_poly.pdbx_seq_one_letter_code
_entity_poly.pdbx_strand_id
1 'polypeptide(L)'
;MNPIVINRLQRKLGYTFNHQELLQQALTHRSASSKHNARLEFLGDSILSYVIANALYHRFPRVDAGDMSRMRATLVRGNT
LAELAREFELGECLRLGPGELKSGGFRRESILADTVEALIGGVFLDSDIQTVEKLILNWYQTRLDEISPGDKQKDPKTRL
QEYLAGRHLPLPTYLVVQVRGEAHDQEFTIHCQVSGLSEPVVGTGSSRRKAEQAAAEQALKKLELE
;
A,B
2 'polyribonucleotide' AAAGGUCAUUCGCAAGAGUGGCCUUUAU C,D
#
# COMPACT_ATOMS: atom_id res chain seq x y z
N MET A 1 -9.17 -30.49 -10.24
CA MET A 1 -9.68 -29.47 -11.16
C MET A 1 -9.79 -30.06 -12.56
N ASN A 2 -10.82 -29.65 -13.29
CA ASN A 2 -11.08 -30.23 -14.59
C ASN A 2 -10.10 -29.67 -15.62
N PRO A 3 -9.29 -30.50 -16.27
CA PRO A 3 -8.27 -29.94 -17.18
C PRO A 3 -8.85 -29.26 -18.40
N ILE A 4 -10.11 -29.54 -18.76
CA ILE A 4 -10.73 -28.83 -19.87
C ILE A 4 -10.78 -27.35 -19.57
N VAL A 5 -11.17 -26.98 -18.35
N VAL A 5 -11.17 -27.00 -18.36
CA VAL A 5 -11.26 -25.57 -18.02
CA VAL A 5 -11.27 -25.60 -17.98
C VAL A 5 -9.87 -24.96 -17.79
C VAL A 5 -9.88 -25.00 -17.81
N ILE A 6 -8.98 -25.72 -17.13
CA ILE A 6 -7.65 -25.21 -16.84
C ILE A 6 -6.83 -24.99 -18.09
N ASN A 7 -7.01 -25.83 -19.12
CA ASN A 7 -6.21 -25.63 -20.33
C ASN A 7 -6.70 -24.43 -21.11
N ARG A 8 -8.02 -24.19 -21.11
CA ARG A 8 -8.52 -22.97 -21.73
C ARG A 8 -7.95 -21.74 -21.04
N LEU A 9 -7.93 -21.75 -19.70
CA LEU A 9 -7.44 -20.57 -18.98
C LEU A 9 -5.98 -20.29 -19.32
N GLN A 10 -5.14 -21.33 -19.28
CA GLN A 10 -3.74 -21.15 -19.62
C GLN A 10 -3.59 -20.57 -21.03
N ARG A 11 -4.47 -20.94 -21.96
CA ARG A 11 -4.36 -20.33 -23.29
C ARG A 11 -4.65 -18.84 -23.24
N LYS A 12 -5.73 -18.46 -22.55
CA LYS A 12 -6.12 -17.05 -22.45
C LYS A 12 -5.09 -16.24 -21.67
N LEU A 13 -4.54 -16.81 -20.61
CA LEU A 13 -3.54 -16.09 -19.82
C LEU A 13 -2.26 -15.86 -20.61
N GLY A 14 -1.94 -16.74 -21.55
CA GLY A 14 -0.67 -16.70 -22.22
C GLY A 14 0.44 -17.43 -21.50
N TYR A 15 0.12 -18.41 -20.66
CA TYR A 15 1.12 -19.03 -19.82
C TYR A 15 0.71 -20.47 -19.53
N THR A 16 1.59 -21.42 -19.84
CA THR A 16 1.42 -22.82 -19.48
C THR A 16 2.28 -23.15 -18.25
N PHE A 17 1.63 -23.61 -17.19
CA PHE A 17 2.32 -23.92 -15.94
C PHE A 17 3.15 -25.18 -16.05
N ASN A 18 4.37 -25.13 -15.53
CA ASN A 18 5.11 -26.37 -15.36
C ASN A 18 4.58 -27.18 -14.18
N HIS A 19 4.36 -26.52 -13.04
CA HIS A 19 3.84 -27.19 -11.85
C HIS A 19 2.34 -26.92 -11.77
N GLN A 20 1.52 -27.88 -12.17
CA GLN A 20 0.08 -27.63 -12.20
C GLN A 20 -0.50 -27.42 -10.81
N GLU A 21 0.18 -27.92 -9.77
CA GLU A 21 -0.32 -27.73 -8.41
C GLU A 21 -0.29 -26.28 -7.97
N LEU A 22 0.63 -25.48 -8.52
CA LEU A 22 0.62 -24.05 -8.21
C LEU A 22 -0.61 -23.38 -8.78
N LEU A 23 -0.98 -23.73 -10.02
CA LEU A 23 -2.18 -23.18 -10.61
C LEU A 23 -3.42 -23.63 -9.86
N GLN A 24 -3.47 -24.91 -9.49
CA GLN A 24 -4.61 -25.39 -8.71
C GLN A 24 -4.74 -24.59 -7.41
N GLN A 25 -3.64 -24.36 -6.71
CA GLN A 25 -3.74 -23.64 -5.45
C GLN A 25 -4.12 -22.17 -5.67
N ALA A 26 -3.59 -21.54 -6.73
CA ALA A 26 -3.96 -20.16 -7.02
C ALA A 26 -5.46 -20.02 -7.28
N LEU A 27 -6.10 -21.06 -7.81
CA LEU A 27 -7.52 -21.01 -8.13
C LEU A 27 -8.40 -21.43 -6.96
N THR A 28 -7.80 -21.84 -5.83
CA THR A 28 -8.55 -22.40 -4.72
C THR A 28 -8.85 -21.30 -3.70
N HIS A 29 -10.13 -20.99 -3.56
CA HIS A 29 -10.61 -20.06 -2.55
C HIS A 29 -10.72 -20.73 -1.18
N ARG A 30 -10.56 -19.93 -0.12
CA ARG A 30 -10.55 -20.48 1.23
C ARG A 30 -11.85 -21.17 1.63
N SER A 31 -12.94 -20.97 0.90
CA SER A 31 -14.16 -21.73 1.23
C SER A 31 -14.04 -23.20 0.86
N ALA A 32 -13.07 -23.56 0.00
CA ALA A 32 -12.98 -24.91 -0.54
C ALA A 32 -11.99 -25.80 0.16
N SER A 33 -10.99 -25.22 0.82
CA SER A 33 -9.86 -26.01 1.28
C SER A 33 -9.05 -25.16 2.23
N SER A 34 -8.38 -25.83 3.17
CA SER A 34 -7.40 -25.14 4.01
C SER A 34 -6.12 -24.83 3.25
N LYS A 35 -5.89 -25.47 2.10
CA LYS A 35 -4.74 -25.13 1.26
C LYS A 35 -5.30 -24.25 0.15
N HIS A 36 -5.28 -22.93 0.38
CA HIS A 36 -5.94 -22.02 -0.55
C HIS A 36 -4.98 -20.91 -0.98
N ASN A 37 -5.50 -19.92 -1.70
CA ASN A 37 -4.64 -19.00 -2.44
C ASN A 37 -4.28 -17.73 -1.66
N ALA A 38 -4.52 -17.64 -0.34
CA ALA A 38 -4.34 -16.34 0.31
C ALA A 38 -2.88 -15.88 0.35
N ARG A 39 -1.92 -16.80 0.58
CA ARG A 39 -0.51 -16.39 0.56
C ARG A 39 -0.06 -15.97 -0.84
N LEU A 40 -0.50 -16.73 -1.86
CA LEU A 40 -0.22 -16.38 -3.24
C LEU A 40 -0.77 -15.01 -3.58
N GLU A 41 -1.96 -14.68 -3.04
CA GLU A 41 -2.55 -13.35 -3.29
C GLU A 41 -1.69 -12.24 -2.70
N PHE A 42 -1.20 -12.44 -1.48
CA PHE A 42 -0.28 -11.47 -0.87
C PHE A 42 0.95 -11.24 -1.75
N LEU A 43 1.56 -12.33 -2.23
CA LEU A 43 2.75 -12.23 -3.06
C LEU A 43 2.44 -11.57 -4.40
N GLY A 44 1.35 -12.00 -5.05
CA GLY A 44 0.99 -11.46 -6.35
C GLY A 44 0.65 -9.97 -6.32
N ASP A 45 -0.03 -9.53 -5.25
CA ASP A 45 -0.32 -8.11 -5.09
C ASP A 45 0.96 -7.31 -5.12
N SER A 46 2.02 -7.80 -4.44
CA SER A 46 3.27 -7.04 -4.38
C SER A 46 3.98 -7.01 -5.72
N ILE A 47 3.94 -8.12 -6.45
CA ILE A 47 4.51 -8.14 -7.80
C ILE A 47 3.79 -7.16 -8.69
N LEU A 48 2.46 -7.21 -8.67
CA LEU A 48 1.68 -6.31 -9.53
C LEU A 48 2.02 -4.84 -9.29
N SER A 49 2.16 -4.44 -8.02
N SER A 49 2.16 -4.44 -8.02
CA SER A 49 2.40 -3.05 -7.69
CA SER A 49 2.40 -3.03 -7.74
C SER A 49 3.75 -2.58 -8.24
C SER A 49 3.76 -2.57 -8.23
N TYR A 50 4.74 -3.46 -8.19
CA TYR A 50 6.06 -3.15 -8.75
C TYR A 50 5.99 -3.07 -10.26
N VAL A 51 5.35 -4.07 -10.92
CA VAL A 51 5.34 -4.08 -12.39
C VAL A 51 4.64 -2.84 -12.93
N ILE A 52 3.54 -2.43 -12.29
CA ILE A 52 2.79 -1.28 -12.77
C ILE A 52 3.54 0.03 -12.47
N ALA A 53 4.17 0.12 -11.29
CA ALA A 53 5.02 1.27 -11.01
C ALA A 53 6.11 1.42 -12.06
N ASN A 54 6.83 0.34 -12.35
CA ASN A 54 7.89 0.40 -13.35
C ASN A 54 7.34 0.83 -14.71
N ALA A 55 6.18 0.27 -15.09
CA ALA A 55 5.61 0.60 -16.39
C ALA A 55 5.23 2.07 -16.43
N LEU A 56 4.64 2.60 -15.35
CA LEU A 56 4.26 4.01 -15.39
C LEU A 56 5.49 4.90 -15.37
N TYR A 57 6.49 4.53 -14.57
CA TYR A 57 7.71 5.33 -14.51
C TYR A 57 8.28 5.54 -15.90
N HIS A 58 8.34 4.49 -16.69
CA HIS A 58 8.94 4.56 -18.02
C HIS A 58 8.01 5.20 -19.04
N ARG A 59 6.72 4.95 -18.94
CA ARG A 59 5.77 5.47 -19.91
C ARG A 59 5.50 6.95 -19.71
N PHE A 60 5.71 7.48 -18.52
CA PHE A 60 5.33 8.85 -18.21
C PHE A 60 6.49 9.56 -17.53
N PRO A 61 7.57 9.84 -18.29
CA PRO A 61 8.78 10.40 -17.67
C PRO A 61 8.60 11.79 -17.09
N ARG A 62 7.56 12.52 -17.48
CA ARG A 62 7.38 13.89 -17.05
C ARG A 62 6.37 14.08 -15.91
N VAL A 63 5.74 13.00 -15.42
CA VAL A 63 4.72 13.17 -14.38
C VAL A 63 5.35 12.91 -13.01
N ASP A 64 4.78 13.52 -11.99
CA ASP A 64 5.33 13.44 -10.65
C ASP A 64 4.76 12.21 -9.93
N ALA A 65 5.27 11.96 -8.72
CA ALA A 65 4.88 10.76 -7.98
C ALA A 65 3.39 10.76 -7.64
N GLY A 66 2.77 11.94 -7.49
CA GLY A 66 1.33 11.98 -7.28
C GLY A 66 0.55 11.44 -8.46
N ASP A 67 0.92 11.87 -9.67
CA ASP A 67 0.27 11.32 -10.86
C ASP A 67 0.46 9.82 -10.95
N MET A 68 1.70 9.34 -10.75
CA MET A 68 1.93 7.90 -10.91
C MET A 68 1.17 7.11 -9.85
N SER A 69 1.09 7.64 -8.62
CA SER A 69 0.34 6.96 -7.57
C SER A 69 -1.12 6.80 -7.94
N ARG A 70 -1.75 7.89 -8.41
CA ARG A 70 -3.17 7.78 -8.78
C ARG A 70 -3.37 6.86 -9.98
N MET A 71 -2.50 6.95 -10.98
CA MET A 71 -2.63 6.02 -12.11
C MET A 71 -2.45 4.58 -11.66
N ARG A 72 -1.47 4.31 -10.81
CA ARG A 72 -1.32 2.93 -10.36
C ARG A 72 -2.55 2.47 -9.61
N ALA A 73 -3.13 3.35 -8.75
CA ALA A 73 -4.34 2.95 -8.04
C ALA A 73 -5.46 2.59 -9.01
N THR A 74 -5.63 3.38 -10.06
CA THR A 74 -6.68 3.05 -11.05
C THR A 74 -6.46 1.67 -11.66
N LEU A 75 -5.21 1.27 -11.84
CA LEU A 75 -4.88 0.03 -12.54
C LEU A 75 -4.90 -1.19 -11.64
N VAL A 76 -4.55 -1.04 -10.35
CA VAL A 76 -4.40 -2.21 -9.48
C VAL A 76 -5.51 -2.31 -8.45
N ARG A 77 -6.45 -1.38 -8.44
CA ARG A 77 -7.55 -1.48 -7.48
C ARG A 77 -8.42 -2.69 -7.78
N GLY A 78 -9.20 -3.09 -6.77
CA GLY A 78 -9.99 -4.29 -6.89
C GLY A 78 -10.92 -4.30 -8.09
N ASN A 79 -11.54 -3.15 -8.39
N ASN A 79 -11.53 -3.14 -8.39
CA ASN A 79 -12.50 -3.14 -9.49
CA ASN A 79 -12.50 -3.11 -9.49
C ASN A 79 -11.81 -3.48 -10.82
C ASN A 79 -11.84 -3.43 -10.82
N THR A 80 -10.58 -3.00 -11.02
CA THR A 80 -9.89 -3.30 -12.27
C THR A 80 -9.48 -4.77 -12.34
N LEU A 81 -8.99 -5.33 -11.23
CA LEU A 81 -8.67 -6.75 -11.20
C LEU A 81 -9.88 -7.60 -11.52
N ALA A 82 -11.05 -7.23 -10.98
CA ALA A 82 -12.26 -7.99 -11.27
C ALA A 82 -12.61 -7.90 -12.76
N GLU A 83 -12.38 -6.75 -13.38
CA GLU A 83 -12.57 -6.62 -14.83
C GLU A 83 -11.68 -7.59 -15.59
N LEU A 84 -10.39 -7.63 -15.24
CA LEU A 84 -9.50 -8.60 -15.88
C LEU A 84 -9.99 -10.02 -15.66
N ALA A 85 -10.43 -10.33 -14.44
CA ALA A 85 -10.94 -11.68 -14.18
C ALA A 85 -12.08 -12.02 -15.12
N ARG A 86 -13.01 -11.09 -15.33
CA ARG A 86 -14.13 -11.37 -16.22
C ARG A 86 -13.66 -11.53 -17.65
N GLU A 87 -12.63 -10.77 -18.03
CA GLU A 87 -12.08 -10.90 -19.37
C GLU A 87 -11.45 -12.27 -19.60
N PHE A 88 -10.85 -12.86 -18.57
CA PHE A 88 -10.34 -14.24 -18.59
C PHE A 88 -11.40 -15.30 -18.31
N GLU A 89 -12.65 -14.90 -18.04
CA GLU A 89 -13.70 -15.84 -17.63
C GLU A 89 -13.23 -16.68 -16.44
N LEU A 90 -12.58 -16.01 -15.49
CA LEU A 90 -11.95 -16.71 -14.37
C LEU A 90 -12.96 -17.39 -13.47
N GLY A 91 -14.20 -16.90 -13.43
CA GLY A 91 -15.18 -17.48 -12.55
C GLY A 91 -15.41 -18.95 -12.82
N GLU A 92 -15.22 -19.39 -14.06
CA GLU A 92 -15.42 -20.80 -14.42
C GLU A 92 -14.34 -21.70 -13.83
N CYS A 93 -13.19 -21.13 -13.47
CA CYS A 93 -12.02 -21.88 -13.03
C CYS A 93 -11.88 -21.96 -11.52
N LEU A 94 -12.63 -21.15 -10.76
CA LEU A 94 -12.47 -21.08 -9.32
C LEU A 94 -12.85 -22.38 -8.65
N ARG A 95 -12.06 -22.77 -7.65
CA ARG A 95 -12.43 -23.87 -6.76
C ARG A 95 -13.06 -23.25 -5.51
N LEU A 96 -14.36 -23.47 -5.33
CA LEU A 96 -15.15 -22.85 -4.30
C LEU A 96 -15.84 -23.93 -3.46
N GLY A 97 -16.11 -23.59 -2.20
CA GLY A 97 -16.89 -24.44 -1.33
C GLY A 97 -18.36 -24.47 -1.75
N PRO A 98 -19.13 -25.42 -1.21
CA PRO A 98 -20.54 -25.53 -1.59
C PRO A 98 -21.36 -24.29 -1.27
N GLY A 99 -21.12 -23.66 -0.13
CA GLY A 99 -21.82 -22.43 0.20
C GLY A 99 -21.61 -21.34 -0.83
N GLU A 100 -20.39 -21.24 -1.37
CA GLU A 100 -20.12 -20.25 -2.41
C GLU A 100 -20.79 -20.61 -3.72
N LEU A 101 -20.70 -21.90 -4.11
CA LEU A 101 -21.35 -22.35 -5.34
C LEU A 101 -22.84 -22.04 -5.35
N LYS A 102 -23.48 -22.11 -4.18
CA LYS A 102 -24.92 -21.88 -4.09
C LYS A 102 -25.28 -20.45 -3.79
N SER A 103 -24.29 -19.55 -3.66
CA SER A 103 -24.56 -18.14 -3.41
C SER A 103 -23.86 -17.22 -4.40
N GLY A 104 -23.50 -17.73 -5.58
CA GLY A 104 -22.95 -16.85 -6.60
C GLY A 104 -21.51 -16.45 -6.39
N GLY A 105 -20.76 -17.18 -5.57
CA GLY A 105 -19.36 -16.83 -5.35
C GLY A 105 -18.53 -16.73 -6.62
N PHE A 106 -18.88 -17.49 -7.66
CA PHE A 106 -18.09 -17.42 -8.88
C PHE A 106 -18.25 -16.09 -9.61
N ARG A 107 -19.19 -15.24 -9.19
CA ARG A 107 -19.35 -13.89 -9.70
C ARG A 107 -18.93 -12.83 -8.70
N ARG A 108 -18.42 -13.23 -7.53
CA ARG A 108 -18.16 -12.28 -6.47
C ARG A 108 -16.90 -11.50 -6.78
N GLU A 109 -17.01 -10.17 -6.78
CA GLU A 109 -15.91 -9.30 -7.23
C GLU A 109 -14.64 -9.51 -6.40
N SER A 110 -14.76 -9.59 -5.08
CA SER A 110 -13.58 -9.73 -4.23
C SER A 110 -12.84 -11.04 -4.50
N ILE A 111 -13.58 -12.12 -4.71
CA ILE A 111 -12.95 -13.40 -4.99
C ILE A 111 -12.28 -13.39 -6.35
N LEU A 112 -12.96 -12.83 -7.34
CA LEU A 112 -12.36 -12.74 -8.67
C LEU A 112 -11.08 -11.92 -8.63
N ALA A 113 -11.12 -10.75 -7.98
CA ALA A 113 -9.95 -9.90 -7.95
C ALA A 113 -8.81 -10.57 -7.21
N ASP A 114 -9.09 -11.15 -6.04
CA ASP A 114 -8.05 -11.87 -5.29
C ASP A 114 -7.40 -12.94 -6.15
N THR A 115 -8.20 -13.66 -6.95
CA THR A 115 -7.65 -14.76 -7.73
C THR A 115 -6.74 -14.26 -8.85
N VAL A 116 -6.98 -13.07 -9.41
CA VAL A 116 -6.02 -12.51 -10.35
C VAL A 116 -4.66 -12.34 -9.68
N GLU A 117 -4.65 -11.78 -8.46
CA GLU A 117 -3.39 -11.61 -7.74
C GLU A 117 -2.74 -12.95 -7.41
N ALA A 118 -3.54 -13.93 -7.01
CA ALA A 118 -2.97 -15.26 -6.69
C ALA A 118 -2.39 -15.91 -7.94
N LEU A 119 -3.03 -15.72 -9.11
CA LEU A 119 -2.44 -16.27 -10.35
C LEU A 119 -1.09 -15.64 -10.65
N ILE A 120 -0.93 -14.34 -10.36
CA ILE A 120 0.35 -13.69 -10.57
C ILE A 120 1.40 -14.32 -9.65
N GLY A 121 1.06 -14.47 -8.36
CA GLY A 121 1.96 -15.20 -7.47
C GLY A 121 2.31 -16.58 -7.99
N GLY A 122 1.32 -17.32 -8.46
CA GLY A 122 1.61 -18.67 -8.96
C GLY A 122 2.50 -18.69 -10.19
N VAL A 123 2.22 -17.81 -11.17
CA VAL A 123 3.07 -17.79 -12.36
C VAL A 123 4.50 -17.45 -11.98
N PHE A 124 4.66 -16.46 -11.09
CA PHE A 124 5.98 -16.10 -10.59
C PHE A 124 6.71 -17.29 -9.99
N LEU A 125 6.05 -18.04 -9.10
CA LEU A 125 6.73 -19.16 -8.46
C LEU A 125 7.00 -20.26 -9.46
N ASP A 126 6.21 -20.33 -10.53
CA ASP A 126 6.42 -21.35 -11.56
C ASP A 126 7.53 -20.97 -12.52
N SER A 127 7.98 -19.71 -12.50
CA SER A 127 8.93 -19.21 -13.50
C SER A 127 9.87 -18.22 -12.82
N ASP A 128 9.73 -16.92 -13.09
CA ASP A 128 10.63 -15.94 -12.47
C ASP A 128 10.02 -14.54 -12.60
N ILE A 129 10.68 -13.55 -11.98
CA ILE A 129 10.11 -12.20 -12.02
C ILE A 129 10.07 -11.65 -13.45
N GLN A 130 11.06 -12.00 -14.29
CA GLN A 130 11.05 -11.48 -15.65
C GLN A 130 9.84 -11.99 -16.44
N THR A 131 9.51 -13.26 -16.25
CA THR A 131 8.42 -13.87 -16.99
C THR A 131 7.07 -13.30 -16.55
N VAL A 132 6.86 -13.19 -15.25
CA VAL A 132 5.54 -12.71 -14.82
C VAL A 132 5.38 -11.23 -15.13
N GLU A 133 6.47 -10.47 -15.09
CA GLU A 133 6.36 -9.06 -15.50
C GLU A 133 5.87 -8.94 -16.95
N LYS A 134 6.49 -9.70 -17.86
CA LYS A 134 6.03 -9.66 -19.25
C LYS A 134 4.57 -10.04 -19.35
N LEU A 135 4.14 -11.04 -18.60
CA LEU A 135 2.75 -11.48 -18.67
C LEU A 135 1.82 -10.39 -18.18
N ILE A 136 2.13 -9.78 -17.05
CA ILE A 136 1.27 -8.69 -16.56
C ILE A 136 1.22 -7.56 -17.59
N LEU A 137 2.36 -7.23 -18.18
CA LEU A 137 2.38 -6.13 -19.14
C LEU A 137 1.52 -6.46 -20.38
N ASN A 138 1.49 -7.73 -20.77
CA ASN A 138 0.57 -8.14 -21.83
C ASN A 138 -0.88 -7.97 -21.42
N TRP A 139 -1.22 -8.45 -20.22
CA TRP A 139 -2.58 -8.30 -19.75
C TRP A 139 -3.00 -6.84 -19.72
N TYR A 140 -2.10 -5.95 -19.32
CA TYR A 140 -2.44 -4.55 -19.10
C TYR A 140 -2.19 -3.67 -20.32
N GLN A 141 -1.80 -4.25 -21.45
CA GLN A 141 -1.31 -3.41 -22.56
C GLN A 141 -2.34 -2.36 -22.95
N THR A 142 -3.61 -2.77 -23.13
CA THR A 142 -4.62 -1.83 -23.60
C THR A 142 -4.90 -0.75 -22.56
N ARG A 143 -4.89 -1.11 -21.28
CA ARG A 143 -5.15 -0.12 -20.24
C ARG A 143 -3.99 0.85 -20.11
N LEU A 144 -2.75 0.34 -20.15
CA LEU A 144 -1.59 1.23 -20.08
C LEU A 144 -1.52 2.14 -21.30
N ASP A 145 -1.92 1.64 -22.46
CA ASP A 145 -1.89 2.49 -23.65
C ASP A 145 -2.94 3.60 -23.61
N GLU A 146 -4.00 3.41 -22.83
CA GLU A 146 -5.09 4.39 -22.82
CA GLU A 146 -5.09 4.39 -22.82
C GLU A 146 -5.08 5.31 -21.62
N ILE A 147 -4.37 4.95 -20.54
CA ILE A 147 -4.46 5.75 -19.32
C ILE A 147 -3.78 7.10 -19.51
N SER A 148 -4.34 8.14 -18.88
CA SER A 148 -3.69 9.43 -18.93
C SER A 148 -3.66 10.07 -17.54
N PRO A 149 -2.62 10.83 -17.24
CA PRO A 149 -2.47 11.42 -15.90
C PRO A 149 -3.41 12.62 -15.75
N GLY A 150 -3.40 13.19 -14.55
CA GLY A 150 -4.14 14.42 -14.28
C GLY A 150 -5.36 14.17 -13.43
N ASP A 151 -6.18 15.22 -13.31
CA ASP A 151 -7.27 15.15 -12.34
C ASP A 151 -8.33 14.13 -12.71
N LYS A 152 -8.32 13.60 -13.95
CA LYS A 152 -9.28 12.55 -14.30
C LYS A 152 -9.03 11.27 -13.53
N GLN A 153 -7.86 11.12 -12.91
CA GLN A 153 -7.61 9.95 -12.06
C GLN A 153 -8.03 10.20 -10.62
N LYS A 154 -8.45 11.41 -10.28
CA LYS A 154 -8.92 11.70 -8.93
C LYS A 154 -10.39 11.33 -8.83
N ASP A 155 -10.76 10.67 -7.74
CA ASP A 155 -12.15 10.28 -7.58
C ASP A 155 -13.02 11.51 -7.33
N PRO A 156 -14.34 11.38 -7.50
CA PRO A 156 -15.25 12.52 -7.29
C PRO A 156 -15.21 13.13 -5.90
N LYS A 157 -15.16 12.34 -4.83
CA LYS A 157 -15.14 12.93 -3.49
C LYS A 157 -13.89 13.76 -3.31
N THR A 158 -12.75 13.25 -3.79
CA THR A 158 -11.52 14.02 -3.72
C THR A 158 -11.63 15.31 -4.53
N ARG A 159 -12.18 15.23 -5.74
CA ARG A 159 -12.23 16.45 -6.57
C ARG A 159 -13.12 17.50 -5.92
N LEU A 160 -14.26 17.07 -5.39
CA LEU A 160 -15.20 18.01 -4.77
C LEU A 160 -14.59 18.66 -3.53
N GLN A 161 -13.97 17.87 -2.65
CA GLN A 161 -13.42 18.51 -1.47
C GLN A 161 -12.24 19.41 -1.81
N GLU A 162 -11.46 19.11 -2.85
CA GLU A 162 -10.37 20.03 -3.20
C GLU A 162 -10.91 21.30 -3.85
N TYR A 163 -11.97 21.18 -4.65
CA TYR A 163 -12.65 22.37 -5.16
C TYR A 163 -13.07 23.28 -4.00
N LEU A 164 -13.71 22.72 -2.99
CA LEU A 164 -14.22 23.53 -1.89
C LEU A 164 -13.09 24.04 -0.99
N ALA A 165 -12.16 23.15 -0.63
CA ALA A 165 -11.08 23.53 0.28
C ALA A 165 -10.21 24.64 -0.32
N GLY A 166 -10.01 24.59 -1.62
CA GLY A 166 -9.15 25.56 -2.28
C GLY A 166 -9.75 26.95 -2.31
N ARG A 167 -11.06 27.05 -2.07
CA ARG A 167 -11.79 28.31 -2.00
C ARG A 167 -12.22 28.64 -0.58
N HIS A 168 -11.64 27.95 0.40
CA HIS A 168 -11.96 28.15 1.80
C HIS A 168 -13.45 28.05 2.03
N LEU A 169 -14.05 27.07 1.40
CA LEU A 169 -15.44 26.72 1.61
C LEU A 169 -15.52 25.46 2.47
N PRO A 170 -16.63 25.30 3.18
CA PRO A 170 -16.74 24.17 4.10
C PRO A 170 -16.81 22.87 3.35
N LEU A 171 -16.29 21.83 3.99
CA LEU A 171 -16.33 20.51 3.40
C LEU A 171 -17.78 20.05 3.27
N PRO A 172 -18.08 19.21 2.28
CA PRO A 172 -19.44 18.73 2.12
C PRO A 172 -19.80 17.74 3.22
N THR A 173 -21.10 17.67 3.52
CA THR A 173 -21.59 16.67 4.45
C THR A 173 -22.31 15.60 3.66
N TYR A 174 -22.12 14.36 4.07
CA TYR A 174 -22.77 13.23 3.42
C TYR A 174 -23.64 12.56 4.47
N LEU A 175 -24.90 12.33 4.13
CA LEU A 175 -25.84 11.77 5.09
C LEU A 175 -26.63 10.63 4.44
N VAL A 176 -26.66 9.49 5.13
CA VAL A 176 -27.49 8.36 4.70
C VAL A 176 -28.91 8.68 5.10
N VAL A 177 -29.78 8.83 4.13
CA VAL A 177 -31.17 9.14 4.41
C VAL A 177 -32.06 7.93 4.26
N GLN A 178 -31.59 6.93 3.54
CA GLN A 178 -32.34 5.72 3.37
C GLN A 178 -31.49 4.50 3.10
N VAL A 179 -31.80 3.38 3.75
CA VAL A 179 -31.16 2.12 3.45
C VAL A 179 -32.25 1.11 3.16
N ARG A 180 -32.22 0.50 2.00
CA ARG A 180 -33.21 -0.50 1.62
C ARG A 180 -32.52 -1.85 1.49
N GLY A 181 -33.24 -2.90 1.83
CA GLY A 181 -32.72 -4.24 1.69
C GLY A 181 -32.45 -4.88 3.04
N GLU A 182 -31.81 -6.04 3.00
CA GLU A 182 -31.40 -6.73 4.21
C GLU A 182 -29.97 -6.35 4.57
N ALA A 183 -29.57 -6.66 5.80
CA ALA A 183 -28.29 -6.18 6.30
C ALA A 183 -27.10 -6.64 5.46
N HIS A 184 -27.25 -7.70 4.67
CA HIS A 184 -26.16 -8.23 3.86
C HIS A 184 -26.26 -7.86 2.37
N ASP A 185 -27.30 -7.11 1.98
CA ASP A 185 -27.56 -6.78 0.56
C ASP A 185 -28.39 -5.49 0.55
N GLN A 186 -27.71 -4.36 0.66
CA GLN A 186 -28.31 -3.06 0.89
C GLN A 186 -28.14 -2.14 -0.31
N GLU A 187 -29.06 -1.18 -0.41
CA GLU A 187 -28.91 -0.02 -1.26
C GLU A 187 -28.96 1.24 -0.40
N PHE A 188 -27.93 2.06 -0.48
CA PHE A 188 -27.84 3.29 0.31
C PHE A 188 -28.30 4.45 -0.55
N THR A 189 -29.01 5.40 0.07
CA THR A 189 -29.25 6.71 -0.52
C THR A 189 -28.54 7.75 0.34
N ILE A 190 -27.67 8.53 -0.30
CA ILE A 190 -26.91 9.60 0.35
C ILE A 190 -27.50 10.93 -0.10
N HIS A 191 -27.62 11.88 0.83
CA HIS A 191 -27.82 13.29 0.48
C HIS A 191 -26.57 14.07 0.84
N CYS A 192 -26.03 14.81 -0.13
CA CYS A 192 -24.80 15.59 0.04
C CYS A 192 -25.15 17.07 0.01
N GLN A 193 -24.87 17.78 1.12
CA GLN A 193 -25.03 19.23 1.19
C GLN A 193 -23.71 19.87 0.82
N VAL A 194 -23.75 20.82 -0.12
CA VAL A 194 -22.55 21.45 -0.68
C VAL A 194 -22.73 22.97 -0.65
N SER A 195 -21.73 23.69 -0.16
CA SER A 195 -21.78 25.14 -0.12
C SER A 195 -22.04 25.70 -1.51
N GLY A 196 -23.06 26.54 -1.63
CA GLY A 196 -23.41 27.12 -2.91
C GLY A 196 -24.61 26.48 -3.58
N LEU A 197 -24.94 25.24 -3.22
CA LEU A 197 -26.15 24.61 -3.73
C LEU A 197 -27.26 24.82 -2.72
N SER A 198 -28.49 25.00 -3.23
N SER A 198 -28.49 25.01 -3.23
CA SER A 198 -29.64 25.22 -2.36
CA SER A 198 -29.64 25.22 -2.36
C SER A 198 -30.31 23.93 -1.93
C SER A 198 -30.30 23.92 -1.91
N GLU A 199 -30.11 22.84 -2.67
CA GLU A 199 -30.70 21.54 -2.43
C GLU A 199 -29.60 20.51 -2.25
N PRO A 200 -29.81 19.46 -1.46
CA PRO A 200 -28.82 18.38 -1.42
C PRO A 200 -28.84 17.63 -2.74
N VAL A 201 -27.70 17.03 -3.07
CA VAL A 201 -27.64 16.16 -4.24
C VAL A 201 -27.68 14.73 -3.75
N VAL A 202 -28.25 13.85 -4.57
CA VAL A 202 -28.53 12.47 -4.19
C VAL A 202 -27.54 11.55 -4.88
N GLY A 203 -27.15 10.49 -4.19
CA GLY A 203 -26.39 9.42 -4.80
C GLY A 203 -26.83 8.10 -4.19
N THR A 204 -26.72 7.03 -4.97
CA THR A 204 -27.08 5.71 -4.48
C THR A 204 -25.98 4.72 -4.80
N GLY A 205 -25.96 3.63 -4.05
CA GLY A 205 -24.93 2.60 -4.25
C GLY A 205 -25.10 1.48 -3.25
N SER A 206 -24.30 0.43 -3.43
CA SER A 206 -24.39 -0.75 -2.57
C SER A 206 -23.53 -0.63 -1.31
N SER A 207 -22.77 0.45 -1.17
CA SER A 207 -22.07 0.76 0.06
C SER A 207 -22.18 2.26 0.27
N ARG A 208 -21.90 2.72 1.47
CA ARG A 208 -22.09 4.15 1.72
C ARG A 208 -21.12 4.97 0.89
N ARG A 209 -19.86 4.53 0.79
CA ARG A 209 -18.89 5.32 0.03
C ARG A 209 -19.19 5.31 -1.47
N LYS A 210 -19.73 4.21 -2.00
CA LYS A 210 -20.15 4.21 -3.40
C LYS A 210 -21.25 5.24 -3.64
N ALA A 211 -22.21 5.32 -2.71
CA ALA A 211 -23.28 6.32 -2.82
C ALA A 211 -22.72 7.73 -2.67
N GLU A 212 -21.77 7.93 -1.75
CA GLU A 212 -21.16 9.25 -1.60
C GLU A 212 -20.44 9.66 -2.87
N GLN A 213 -19.72 8.72 -3.49
CA GLN A 213 -19.03 9.05 -4.74
C GLN A 213 -20.02 9.46 -5.81
N ALA A 214 -21.12 8.71 -5.93
CA ALA A 214 -22.16 9.08 -6.89
C ALA A 214 -22.71 10.47 -6.56
N ALA A 215 -22.89 10.78 -5.28
CA ALA A 215 -23.42 12.09 -4.92
C ALA A 215 -22.41 13.19 -5.23
N ALA A 216 -21.13 12.94 -4.96
CA ALA A 216 -20.12 13.96 -5.26
C ALA A 216 -20.04 14.26 -6.76
N GLU A 217 -20.18 13.22 -7.59
CA GLU A 217 -20.20 13.40 -9.03
C GLU A 217 -21.34 14.32 -9.44
N GLN A 218 -22.52 14.10 -8.87
CA GLN A 218 -23.65 14.98 -9.16
C GLN A 218 -23.39 16.40 -8.70
N ALA A 219 -22.78 16.56 -7.53
CA ALA A 219 -22.51 17.92 -7.03
C ALA A 219 -21.56 18.64 -7.97
N LEU A 220 -20.57 17.93 -8.52
CA LEU A 220 -19.62 18.59 -9.41
C LEU A 220 -20.31 19.11 -10.65
N LYS A 221 -21.29 18.37 -11.15
CA LYS A 221 -22.02 18.81 -12.35
C LYS A 221 -22.96 19.96 -12.02
N LYS A 222 -23.68 19.87 -10.91
CA LYS A 222 -24.59 20.95 -10.53
C LYS A 222 -23.83 22.25 -10.26
N LEU A 223 -22.61 22.15 -9.73
CA LEU A 223 -21.81 23.34 -9.53
C LEU A 223 -21.27 23.87 -10.85
N GLU A 224 -21.45 23.15 -11.95
CA GLU A 224 -20.98 23.54 -13.26
C GLU A 224 -19.46 23.55 -13.30
N LEU A 225 -18.84 22.56 -12.64
CA LEU A 225 -17.40 22.38 -12.65
C LEU A 225 -16.93 21.35 -13.66
N GLU A 226 -17.85 20.60 -14.27
CA GLU A 226 -17.51 19.54 -15.20
C GLU A 226 -18.65 19.35 -16.21
N MET B 1 29.39 15.62 -7.97
CA MET B 1 29.47 14.92 -6.69
C MET B 1 30.92 14.73 -6.23
N ASN B 2 31.13 14.76 -4.92
CA ASN B 2 32.46 14.57 -4.36
C ASN B 2 32.81 13.08 -4.33
N PRO B 3 33.87 12.64 -5.02
CA PRO B 3 34.18 11.19 -5.06
C PRO B 3 34.42 10.58 -3.69
N ILE B 4 35.01 11.33 -2.75
CA ILE B 4 35.25 10.77 -1.42
C ILE B 4 33.96 10.29 -0.80
N VAL B 5 32.91 11.10 -0.90
CA VAL B 5 31.61 10.75 -0.35
C VAL B 5 30.98 9.62 -1.15
N ILE B 6 30.93 9.79 -2.48
CA ILE B 6 30.34 8.80 -3.37
C ILE B 6 31.03 7.45 -3.23
N ASN B 7 32.36 7.44 -3.14
CA ASN B 7 33.07 6.17 -3.06
C ASN B 7 32.75 5.44 -1.76
N ARG B 8 32.66 6.19 -0.65
CA ARG B 8 32.35 5.55 0.61
C ARG B 8 30.95 4.95 0.57
N LEU B 9 30.00 5.69 0.00
CA LEU B 9 28.60 5.23 -0.03
C LEU B 9 28.47 3.97 -0.85
N GLN B 10 29.06 3.96 -2.04
CA GLN B 10 29.02 2.79 -2.90
C GLN B 10 29.66 1.58 -2.24
N ARG B 11 30.75 1.76 -1.48
CA ARG B 11 31.26 0.64 -0.70
C ARG B 11 30.26 0.22 0.37
N LYS B 12 29.62 1.19 1.03
CA LYS B 12 28.63 0.85 2.04
C LYS B 12 27.46 0.09 1.42
N LEU B 13 26.97 0.58 0.29
CA LEU B 13 25.80 -0.03 -0.34
C LEU B 13 26.13 -1.41 -0.92
N GLY B 14 27.39 -1.65 -1.25
CA GLY B 14 27.76 -2.84 -1.98
C GLY B 14 27.54 -2.75 -3.47
N TYR B 15 27.50 -1.55 -4.03
CA TYR B 15 27.10 -1.40 -5.42
C TYR B 15 27.72 -0.12 -5.99
N THR B 16 28.34 -0.22 -7.16
CA THR B 16 28.90 0.92 -7.89
C THR B 16 28.02 1.25 -9.08
N PHE B 17 27.59 2.51 -9.16
CA PHE B 17 26.70 2.93 -10.24
C PHE B 17 27.45 3.07 -11.55
N ASN B 18 26.86 2.51 -12.61
CA ASN B 18 27.39 2.78 -13.95
C ASN B 18 27.06 4.19 -14.40
N HIS B 19 25.81 4.62 -14.22
CA HIS B 19 25.38 5.98 -14.54
C HIS B 19 25.37 6.80 -13.25
N GLN B 20 26.42 7.60 -13.04
CA GLN B 20 26.51 8.40 -11.82
C GLN B 20 25.38 9.41 -11.71
N GLU B 21 24.84 9.85 -12.85
CA GLU B 21 23.75 10.81 -12.84
C GLU B 21 22.50 10.25 -12.16
N LEU B 22 22.26 8.94 -12.25
CA LEU B 22 21.16 8.34 -11.50
C LEU B 22 21.41 8.42 -10.01
N LEU B 23 22.65 8.14 -9.60
CA LEU B 23 22.97 8.24 -8.17
C LEU B 23 22.77 9.66 -7.68
N GLN B 24 23.25 10.64 -8.46
CA GLN B 24 23.09 12.02 -8.01
C GLN B 24 21.62 12.36 -7.85
N GLN B 25 20.78 11.95 -8.81
CA GLN B 25 19.36 12.28 -8.69
C GLN B 25 18.74 11.57 -7.51
N ALA B 26 19.14 10.32 -7.25
CA ALA B 26 18.60 9.58 -6.11
C ALA B 26 18.91 10.28 -4.79
N LEU B 27 20.08 10.94 -4.69
CA LEU B 27 20.50 11.62 -3.47
C LEU B 27 19.99 13.05 -3.35
N THR B 28 19.28 13.54 -4.37
CA THR B 28 18.83 14.92 -4.44
C THR B 28 17.42 15.05 -3.87
N HIS B 29 17.31 15.75 -2.74
CA HIS B 29 16.02 16.12 -2.16
C HIS B 29 15.43 17.33 -2.88
N ARG B 30 14.10 17.43 -2.85
CA ARG B 30 13.38 18.46 -3.60
C ARG B 30 13.66 19.86 -3.08
N SER B 31 14.26 20.00 -1.90
CA SER B 31 14.70 21.31 -1.43
C SER B 31 15.86 21.86 -2.26
N ALA B 32 16.56 20.99 -3.00
CA ALA B 32 17.82 21.33 -3.63
C ALA B 32 17.69 21.63 -5.11
N SER B 33 16.69 21.04 -5.77
CA SER B 33 16.63 21.10 -7.22
C SER B 33 15.22 20.69 -7.64
N SER B 34 14.79 21.19 -8.80
CA SER B 34 13.56 20.67 -9.40
C SER B 34 13.73 19.28 -10.00
N LYS B 35 14.95 18.81 -10.17
CA LYS B 35 15.23 17.45 -10.63
C LYS B 35 15.63 16.67 -9.38
N HIS B 36 14.64 16.05 -8.73
CA HIS B 36 14.91 15.45 -7.43
C HIS B 36 14.44 13.99 -7.41
N ASN B 37 14.49 13.35 -6.25
CA ASN B 37 14.39 11.90 -6.18
C ASN B 37 12.96 11.37 -5.96
N ALA B 38 11.92 12.22 -6.07
CA ALA B 38 10.59 11.74 -5.67
C ALA B 38 10.07 10.62 -6.58
N ARG B 39 10.31 10.70 -7.91
CA ARG B 39 9.86 9.62 -8.76
C ARG B 39 10.63 8.34 -8.46
N LEU B 40 11.93 8.45 -8.22
CA LEU B 40 12.73 7.29 -7.86
C LEU B 40 12.26 6.68 -6.55
N GLU B 41 11.84 7.53 -5.60
CA GLU B 41 11.32 7.02 -4.33
C GLU B 41 10.05 6.21 -4.56
N PHE B 42 9.16 6.68 -5.43
CA PHE B 42 7.94 5.93 -5.73
C PHE B 42 8.29 4.56 -6.30
N LEU B 43 9.24 4.52 -7.24
CA LEU B 43 9.62 3.26 -7.86
C LEU B 43 10.31 2.33 -6.86
N GLY B 44 11.21 2.87 -6.05
CA GLY B 44 11.96 2.03 -5.13
C GLY B 44 11.09 1.45 -4.04
N ASP B 45 10.08 2.22 -3.60
CA ASP B 45 9.14 1.71 -2.63
C ASP B 45 8.45 0.46 -3.15
N SER B 46 8.08 0.46 -4.44
CA SER B 46 7.37 -0.69 -4.97
C SER B 46 8.30 -1.90 -5.10
N ILE B 47 9.55 -1.68 -5.50
CA ILE B 47 10.49 -2.78 -5.58
C ILE B 47 10.72 -3.40 -4.21
N LEU B 48 10.90 -2.54 -3.19
CA LEU B 48 11.20 -3.04 -1.86
C LEU B 48 10.06 -3.90 -1.34
N SER B 49 8.81 -3.48 -1.56
N SER B 49 8.82 -3.46 -1.55
CA SER B 49 7.70 -4.27 -1.04
CA SER B 49 7.66 -4.22 -1.09
C SER B 49 7.58 -5.62 -1.73
C SER B 49 7.61 -5.60 -1.72
N TYR B 50 7.90 -5.69 -3.02
CA TYR B 50 7.95 -6.98 -3.69
C TYR B 50 9.09 -7.85 -3.15
N VAL B 51 10.29 -7.28 -3.04
CA VAL B 51 11.43 -8.08 -2.60
C VAL B 51 11.18 -8.66 -1.21
N ILE B 52 10.62 -7.86 -0.30
CA ILE B 52 10.40 -8.32 1.06
C ILE B 52 9.26 -9.34 1.10
N ALA B 53 8.20 -9.11 0.32
CA ALA B 53 7.13 -10.10 0.24
C ALA B 53 7.66 -11.45 -0.21
N ASN B 54 8.47 -11.46 -1.28
CA ASN B 54 9.06 -12.71 -1.77
C ASN B 54 9.91 -13.39 -0.70
N ALA B 55 10.71 -12.61 0.02
CA ALA B 55 11.58 -13.17 1.03
C ALA B 55 10.77 -13.76 2.17
N LEU B 56 9.74 -13.06 2.63
CA LEU B 56 8.92 -13.61 3.70
C LEU B 56 8.15 -14.83 3.23
N TYR B 57 7.61 -14.79 2.00
CA TYR B 57 6.88 -15.95 1.50
C TYR B 57 7.76 -17.20 1.56
N HIS B 58 9.02 -17.07 1.20
CA HIS B 58 9.89 -18.24 1.14
C HIS B 58 10.44 -18.63 2.51
N ARG B 59 10.71 -17.65 3.37
CA ARG B 59 11.30 -17.94 4.66
C ARG B 59 10.28 -18.43 5.68
N PHE B 60 9.00 -18.12 5.46
CA PHE B 60 7.94 -18.45 6.41
C PHE B 60 6.82 -19.21 5.69
N PRO B 61 7.10 -20.44 5.25
CA PRO B 61 6.09 -21.17 4.46
C PRO B 61 4.82 -21.49 5.23
N ARG B 62 4.85 -21.47 6.55
CA ARG B 62 3.67 -21.87 7.32
C ARG B 62 2.84 -20.69 7.83
N VAL B 63 3.24 -19.45 7.56
CA VAL B 63 2.51 -18.33 8.15
C VAL B 63 1.48 -17.83 7.14
N ASP B 64 0.41 -17.23 7.66
CA ASP B 64 -0.66 -16.76 6.82
C ASP B 64 -0.38 -15.33 6.36
N ALA B 65 -1.24 -14.80 5.49
CA ALA B 65 -1.00 -13.49 4.90
C ALA B 65 -1.05 -12.37 5.94
N GLY B 66 -1.78 -12.57 7.04
CA GLY B 66 -1.74 -11.58 8.11
C GLY B 66 -0.38 -11.49 8.77
N ASP B 67 0.23 -12.64 9.06
CA ASP B 67 1.58 -12.62 9.60
C ASP B 67 2.54 -11.98 8.62
N MET B 68 2.46 -12.33 7.34
CA MET B 68 3.42 -11.77 6.39
C MET B 68 3.21 -10.27 6.25
N SER B 69 1.96 -9.82 6.24
CA SER B 69 1.68 -8.40 6.10
C SER B 69 2.27 -7.61 7.24
N ARG B 70 2.09 -8.06 8.48
CA ARG B 70 2.66 -7.34 9.61
C ARG B 70 4.18 -7.37 9.59
N MET B 71 4.76 -8.53 9.25
CA MET B 71 6.22 -8.61 9.20
C MET B 71 6.76 -7.69 8.12
N ARG B 72 6.09 -7.63 6.97
CA ARG B 72 6.56 -6.73 5.92
C ARG B 72 6.50 -5.29 6.39
N ALA B 73 5.40 -4.91 7.04
CA ALA B 73 5.29 -3.53 7.53
C ALA B 73 6.43 -3.20 8.49
N THR B 74 6.78 -4.14 9.37
CA THR B 74 7.89 -3.88 10.29
C THR B 74 9.18 -3.61 9.53
N LEU B 75 9.38 -4.32 8.42
CA LEU B 75 10.62 -4.23 7.67
C LEU B 75 10.67 -3.06 6.70
N VAL B 76 9.54 -2.59 6.18
CA VAL B 76 9.56 -1.53 5.16
C VAL B 76 9.02 -0.21 5.65
N ARG B 77 8.57 -0.13 6.89
CA ARG B 77 8.06 1.15 7.39
C ARG B 77 9.18 2.18 7.49
N GLY B 78 8.75 3.46 7.58
CA GLY B 78 9.71 4.56 7.53
C GLY B 78 10.78 4.49 8.61
N ASN B 79 10.41 4.02 9.81
CA ASN B 79 11.39 3.95 10.88
C ASN B 79 12.48 2.92 10.59
N THR B 80 12.14 1.81 9.93
CA THR B 80 13.18 0.85 9.57
C THR B 80 14.07 1.40 8.47
N LEU B 81 13.47 2.03 7.46
CA LEU B 81 14.27 2.64 6.41
C LEU B 81 15.22 3.68 6.98
N ALA B 82 14.76 4.48 7.95
CA ALA B 82 15.65 5.46 8.54
C ALA B 82 16.81 4.79 9.28
N GLU B 83 16.53 3.65 9.94
CA GLU B 83 17.61 2.87 10.55
C GLU B 83 18.67 2.50 9.52
N LEU B 84 18.25 1.90 8.40
CA LEU B 84 19.18 1.58 7.34
C LEU B 84 19.92 2.81 6.84
N ALA B 85 19.21 3.94 6.72
CA ALA B 85 19.88 5.13 6.23
C ALA B 85 21.01 5.52 7.16
N ARG B 86 20.79 5.41 8.47
CA ARG B 86 21.85 5.71 9.43
C ARG B 86 23.02 4.75 9.28
N GLU B 87 22.72 3.47 9.06
CA GLU B 87 23.77 2.48 8.86
C GLU B 87 24.58 2.73 7.60
N PHE B 88 23.97 3.26 6.55
CA PHE B 88 24.70 3.67 5.38
C PHE B 88 25.31 5.05 5.51
N GLU B 89 25.12 5.71 6.65
CA GLU B 89 25.59 7.09 6.82
C GLU B 89 25.09 7.99 5.68
N LEU B 90 23.82 7.82 5.32
CA LEU B 90 23.26 8.52 4.18
C LEU B 90 23.20 10.03 4.40
N GLY B 91 23.03 10.47 5.65
CA GLY B 91 22.98 11.90 5.91
C GLY B 91 24.10 12.68 5.27
N GLU B 92 25.29 12.07 5.16
CA GLU B 92 26.45 12.76 4.60
C GLU B 92 26.39 12.90 3.08
N CYS B 93 25.58 12.10 2.39
CA CYS B 93 25.50 12.12 0.93
C CYS B 93 24.31 12.92 0.42
N LEU B 94 23.34 13.22 1.27
CA LEU B 94 22.14 13.94 0.85
C LEU B 94 22.49 15.25 0.19
N ARG B 95 21.84 15.55 -0.93
CA ARG B 95 21.94 16.87 -1.55
C ARG B 95 20.68 17.66 -1.19
N LEU B 96 20.85 18.67 -0.33
CA LEU B 96 19.79 19.45 0.27
C LEU B 96 19.92 20.93 -0.07
N GLY B 97 18.80 21.64 0.00
CA GLY B 97 18.82 23.07 -0.15
C GLY B 97 19.37 23.75 1.09
N PRO B 98 19.68 25.04 0.95
CA PRO B 98 20.24 25.79 2.09
C PRO B 98 19.34 25.78 3.32
N GLY B 99 18.02 25.97 3.14
CA GLY B 99 17.13 25.89 4.28
C GLY B 99 17.22 24.57 5.03
N GLU B 100 17.42 23.46 4.30
CA GLU B 100 17.53 22.16 4.96
C GLU B 100 18.87 21.99 5.65
N LEU B 101 19.95 22.43 4.99
CA LEU B 101 21.28 22.31 5.58
C LEU B 101 21.34 23.05 6.92
N LYS B 102 20.61 24.17 7.02
CA LYS B 102 20.65 25.02 8.19
C LYS B 102 19.60 24.65 9.23
N SER B 103 18.72 23.70 8.93
CA SER B 103 17.75 23.23 9.91
C SER B 103 17.89 21.73 10.19
N GLY B 104 19.07 21.15 9.99
CA GLY B 104 19.27 19.78 10.37
C GLY B 104 18.62 18.77 9.44
N GLY B 105 18.35 19.15 8.19
CA GLY B 105 17.67 18.24 7.26
C GLY B 105 18.42 16.94 7.03
N PHE B 106 19.74 16.95 7.17
CA PHE B 106 20.51 15.72 6.98
C PHE B 106 20.24 14.69 8.08
N ARG B 107 19.50 15.06 9.11
CA ARG B 107 19.09 14.14 10.16
C ARG B 107 17.60 13.84 10.16
N ARG B 108 16.85 14.41 9.22
CA ARG B 108 15.40 14.25 9.23
C ARG B 108 15.02 12.84 8.79
N GLU B 109 14.29 12.14 9.65
CA GLU B 109 13.99 10.73 9.37
CA GLU B 109 13.98 10.73 9.38
C GLU B 109 13.25 10.55 8.05
N SER B 110 12.28 11.42 7.76
CA SER B 110 11.51 11.27 6.52
C SER B 110 12.41 11.37 5.30
N ILE B 111 13.34 12.32 5.30
CA ILE B 111 14.22 12.51 4.15
C ILE B 111 15.17 11.35 4.01
N LEU B 112 15.71 10.89 5.13
CA LEU B 112 16.62 9.74 5.11
C LEU B 112 15.92 8.49 4.61
N ALA B 113 14.71 8.23 5.13
CA ALA B 113 14.00 7.02 4.71
C ALA B 113 13.61 7.10 3.23
N ASP B 114 13.11 8.27 2.79
CA ASP B 114 12.82 8.44 1.37
C ASP B 114 14.06 8.14 0.52
N THR B 115 15.23 8.60 0.94
CA THR B 115 16.43 8.41 0.10
C THR B 115 16.82 6.94 -0.02
N VAL B 116 16.55 6.12 1.00
CA VAL B 116 16.81 4.69 0.84
C VAL B 116 15.96 4.13 -0.31
N GLU B 117 14.66 4.47 -0.32
CA GLU B 117 13.82 4.04 -1.43
C GLU B 117 14.30 4.60 -2.76
N ALA B 118 14.72 5.87 -2.80
CA ALA B 118 15.18 6.43 -4.07
C ALA B 118 16.43 5.72 -4.58
N LEU B 119 17.34 5.34 -3.67
CA LEU B 119 18.53 4.61 -4.09
C LEU B 119 18.17 3.23 -4.64
N ILE B 120 17.17 2.58 -4.04
CA ILE B 120 16.69 1.32 -4.61
C ILE B 120 16.20 1.53 -6.04
N GLY B 121 15.35 2.53 -6.24
CA GLY B 121 14.97 2.89 -7.61
C GLY B 121 16.17 3.13 -8.51
N GLY B 122 17.20 3.83 -8.01
CA GLY B 122 18.34 4.15 -8.86
C GLY B 122 19.17 2.93 -9.22
N VAL B 123 19.44 2.06 -8.23
CA VAL B 123 20.17 0.82 -8.53
C VAL B 123 19.40 0.00 -9.56
N PHE B 124 18.09 -0.10 -9.38
CA PHE B 124 17.26 -0.84 -10.34
C PHE B 124 17.43 -0.30 -11.75
N LEU B 125 17.30 1.02 -11.92
CA LEU B 125 17.42 1.59 -13.27
C LEU B 125 18.84 1.45 -13.80
N ASP B 126 19.82 1.36 -12.90
CA ASP B 126 21.21 1.21 -13.32
C ASP B 126 21.55 -0.24 -13.65
N SER B 127 20.70 -1.19 -13.27
CA SER B 127 21.04 -2.59 -13.49
C SER B 127 19.77 -3.33 -13.91
N ASP B 128 19.19 -4.11 -13.01
CA ASP B 128 17.98 -4.86 -13.33
C ASP B 128 17.35 -5.35 -12.05
N ILE B 129 16.19 -5.98 -12.19
CA ILE B 129 15.46 -6.41 -10.98
C ILE B 129 16.26 -7.46 -10.23
N GLN B 130 16.96 -8.36 -10.94
CA GLN B 130 17.61 -9.40 -10.17
C GLN B 130 18.77 -8.84 -9.36
N THR B 131 19.44 -7.81 -9.88
CA THR B 131 20.56 -7.19 -9.18
C THR B 131 20.07 -6.43 -7.95
N VAL B 132 19.03 -5.62 -8.10
CA VAL B 132 18.59 -4.84 -6.94
C VAL B 132 17.97 -5.76 -5.90
N GLU B 133 17.34 -6.87 -6.33
CA GLU B 133 16.80 -7.80 -5.33
C GLU B 133 17.92 -8.40 -4.49
N LYS B 134 18.98 -8.87 -5.15
CA LYS B 134 20.16 -9.36 -4.43
C LYS B 134 20.67 -8.35 -3.43
N LEU B 135 20.76 -7.10 -3.84
CA LEU B 135 21.30 -6.07 -2.96
C LEU B 135 20.42 -5.88 -1.74
N ILE B 136 19.11 -5.76 -1.95
CA ILE B 136 18.20 -5.54 -0.83
C ILE B 136 18.27 -6.70 0.14
N LEU B 137 18.38 -7.92 -0.38
CA LEU B 137 18.44 -9.08 0.49
C LEU B 137 19.74 -9.09 1.30
N ASN B 138 20.84 -8.61 0.73
CA ASN B 138 22.07 -8.42 1.51
C ASN B 138 21.86 -7.39 2.61
N TRP B 139 21.26 -6.25 2.25
CA TRP B 139 21.00 -5.22 3.26
C TRP B 139 20.16 -5.75 4.41
N TYR B 140 19.14 -6.57 4.11
CA TYR B 140 18.19 -7.01 5.12
C TYR B 140 18.53 -8.36 5.74
N GLN B 141 19.71 -8.92 5.46
CA GLN B 141 19.95 -10.30 5.86
C GLN B 141 19.77 -10.48 7.37
N THR B 142 20.38 -9.59 8.16
CA THR B 142 20.28 -9.77 9.61
C THR B 142 18.86 -9.53 10.11
N ARG B 143 18.12 -8.60 9.51
CA ARG B 143 16.75 -8.38 9.96
C ARG B 143 15.85 -9.55 9.59
N LEU B 144 16.02 -10.09 8.38
CA LEU B 144 15.23 -11.25 7.96
C LEU B 144 15.58 -12.48 8.77
N ASP B 145 16.85 -12.64 9.16
CA ASP B 145 17.22 -13.78 10.00
C ASP B 145 16.63 -13.67 11.40
N GLU B 146 16.39 -12.45 11.89
CA GLU B 146 15.93 -12.22 13.25
C GLU B 146 14.41 -12.12 13.40
N ILE B 147 13.70 -11.69 12.36
CA ILE B 147 12.26 -11.43 12.52
C ILE B 147 11.49 -12.73 12.76
N SER B 148 10.41 -12.62 13.54
CA SER B 148 9.54 -13.72 13.93
C SER B 148 8.08 -13.30 13.81
N PRO B 149 7.21 -14.18 13.38
CA PRO B 149 5.80 -13.82 13.26
C PRO B 149 5.10 -13.76 14.61
N GLY B 150 3.79 -13.59 14.62
CA GLY B 150 3.01 -13.64 15.84
C GLY B 150 2.57 -12.25 16.30
N ASP B 151 1.96 -12.24 17.49
CA ASP B 151 1.38 -11.00 18.00
C ASP B 151 2.43 -9.96 18.31
N LYS B 152 3.71 -10.35 18.43
CA LYS B 152 4.77 -9.38 18.66
C LYS B 152 4.85 -8.34 17.55
N GLN B 153 4.38 -8.67 16.34
CA GLN B 153 4.40 -7.67 15.28
C GLN B 153 3.23 -6.69 15.35
N LYS B 154 2.23 -6.92 16.20
CA LYS B 154 1.13 -5.96 16.36
C LYS B 154 1.58 -4.81 17.22
N ASP B 155 1.22 -3.59 16.83
CA ASP B 155 1.56 -2.42 17.63
C ASP B 155 0.73 -2.39 18.93
N PRO B 156 1.18 -1.60 19.91
CA PRO B 156 0.44 -1.54 21.19
C PRO B 156 -1.01 -1.08 21.08
N LYS B 157 -1.33 -0.09 20.24
CA LYS B 157 -2.73 0.34 20.14
C LYS B 157 -3.61 -0.78 19.62
N THR B 158 -3.14 -1.49 18.59
CA THR B 158 -3.87 -2.62 18.05
C THR B 158 -4.03 -3.72 19.10
N ARG B 159 -2.96 -4.01 19.83
CA ARG B 159 -3.03 -5.10 20.82
C ARG B 159 -4.05 -4.78 21.91
N LEU B 160 -4.03 -3.54 22.38
CA LEU B 160 -4.92 -3.13 23.47
C LEU B 160 -6.37 -3.13 23.01
N GLN B 161 -6.65 -2.60 21.82
CA GLN B 161 -8.05 -2.60 21.42
C GLN B 161 -8.56 -4.01 21.12
N GLU B 162 -7.69 -4.94 20.67
CA GLU B 162 -8.16 -6.30 20.45
C GLU B 162 -8.43 -7.01 21.76
N TYR B 163 -7.59 -6.79 22.75
CA TYR B 163 -7.86 -7.31 24.09
C TYR B 163 -9.23 -6.85 24.56
N LEU B 164 -9.49 -5.55 24.49
CA LEU B 164 -10.74 -5.02 25.03
C LEU B 164 -11.94 -5.44 24.17
N ALA B 165 -11.81 -5.36 22.84
CA ALA B 165 -12.94 -5.72 21.97
C ALA B 165 -13.31 -7.21 22.12
N GLY B 166 -12.29 -8.06 22.25
CA GLY B 166 -12.54 -9.49 22.36
C GLY B 166 -13.30 -9.87 23.63
N ARG B 167 -13.32 -8.98 24.61
CA ARG B 167 -14.04 -9.18 25.87
C ARG B 167 -15.26 -8.28 25.99
N HIS B 168 -15.65 -7.65 24.89
CA HIS B 168 -16.78 -6.73 24.86
C HIS B 168 -16.66 -5.68 25.95
N LEU B 169 -15.44 -5.12 26.06
CA LEU B 169 -15.17 -4.01 26.93
C LEU B 169 -15.07 -2.72 26.13
N PRO B 170 -15.24 -1.57 26.77
CA PRO B 170 -15.08 -0.29 26.07
C PRO B 170 -13.68 -0.16 25.49
N LEU B 171 -13.60 0.40 24.29
CA LEU B 171 -12.31 0.76 23.71
C LEU B 171 -11.68 1.90 24.51
N PRO B 172 -10.36 2.06 24.44
CA PRO B 172 -9.71 3.08 25.28
C PRO B 172 -10.08 4.50 24.85
N THR B 173 -10.10 5.39 25.82
CA THR B 173 -10.20 6.82 25.57
C THR B 173 -8.81 7.43 25.66
N TYR B 174 -8.37 8.08 24.60
CA TYR B 174 -7.05 8.69 24.56
C TYR B 174 -7.26 10.20 24.62
N LEU B 175 -6.98 10.78 25.79
CA LEU B 175 -7.23 12.20 26.02
C LEU B 175 -5.93 12.97 25.92
N VAL B 176 -5.90 14.00 25.07
CA VAL B 176 -4.77 14.92 25.05
C VAL B 176 -4.95 15.89 26.21
N VAL B 177 -4.04 15.83 27.19
CA VAL B 177 -4.12 16.70 28.36
C VAL B 177 -3.16 17.88 28.28
N GLN B 178 -2.14 17.81 27.44
CA GLN B 178 -1.14 18.86 27.37
C GLN B 178 -0.41 18.77 26.04
N VAL B 179 -0.19 19.92 25.41
CA VAL B 179 0.64 20.01 24.22
C VAL B 179 1.61 21.16 24.45
N ARG B 180 2.87 20.83 24.70
CA ARG B 180 3.93 21.79 25.00
C ARG B 180 4.79 22.03 23.77
N GLY B 181 5.24 23.27 23.62
CA GLY B 181 6.14 23.67 22.57
C GLY B 181 5.42 24.47 21.50
N GLU B 182 6.17 24.77 20.43
CA GLU B 182 5.63 25.52 19.30
C GLU B 182 4.87 24.58 18.36
N ALA B 183 4.05 25.16 17.48
CA ALA B 183 3.22 24.34 16.60
C ALA B 183 4.03 23.41 15.69
N HIS B 184 5.30 23.71 15.42
CA HIS B 184 6.13 22.87 14.55
C HIS B 184 7.08 21.95 15.32
N ASP B 185 7.03 21.96 16.65
CA ASP B 185 7.93 21.15 17.46
C ASP B 185 7.33 20.95 18.84
N GLN B 186 6.45 19.95 18.97
CA GLN B 186 5.57 19.80 20.11
C GLN B 186 5.85 18.50 20.86
N GLU B 187 5.46 18.50 22.13
CA GLU B 187 5.37 17.31 22.95
C GLU B 187 3.93 17.11 23.39
N PHE B 188 3.33 15.99 23.01
CA PHE B 188 1.99 15.66 23.44
C PHE B 188 2.05 14.84 24.72
N THR B 189 1.09 15.09 25.61
CA THR B 189 0.84 14.22 26.75
C THR B 189 -0.56 13.66 26.60
N ILE B 190 -0.67 12.32 26.63
CA ILE B 190 -1.92 11.61 26.49
C ILE B 190 -2.25 10.95 27.83
N HIS B 191 -3.52 11.01 28.22
CA HIS B 191 -4.06 10.20 29.31
C HIS B 191 -5.00 9.17 28.71
N CYS B 192 -4.69 7.91 28.92
CA CYS B 192 -5.47 6.83 28.31
C CYS B 192 -6.30 6.18 29.41
N GLN B 193 -7.61 6.24 29.25
CA GLN B 193 -8.55 5.65 30.21
C GLN B 193 -8.96 4.28 29.69
N VAL B 194 -8.65 3.24 30.47
CA VAL B 194 -8.83 1.85 30.06
C VAL B 194 -9.71 1.15 31.08
N SER B 195 -10.74 0.46 30.61
CA SER B 195 -11.62 -0.31 31.48
C SER B 195 -10.79 -1.30 32.29
N GLY B 196 -11.00 -1.31 33.60
CA GLY B 196 -10.25 -2.16 34.48
C GLY B 196 -9.08 -1.49 35.15
N LEU B 197 -8.73 -0.27 34.74
CA LEU B 197 -7.60 0.43 35.31
C LEU B 197 -8.10 1.62 36.11
N SER B 198 -7.57 1.77 37.32
CA SER B 198 -8.04 2.78 38.26
C SER B 198 -7.85 4.17 37.69
N GLU B 199 -6.66 4.52 37.40
CA GLU B 199 -6.20 5.81 36.99
C GLU B 199 -5.80 5.79 35.52
N PRO B 200 -5.85 6.93 34.85
CA PRO B 200 -5.39 6.98 33.45
C PRO B 200 -3.91 6.65 33.37
N VAL B 201 -3.52 6.08 32.25
CA VAL B 201 -2.12 5.78 32.00
C VAL B 201 -1.58 6.87 31.09
N VAL B 202 -0.32 7.28 31.32
CA VAL B 202 0.27 8.44 30.65
C VAL B 202 1.18 8.00 29.52
N GLY B 203 1.12 8.73 28.41
CA GLY B 203 2.08 8.55 27.33
C GLY B 203 2.45 9.92 26.77
N THR B 204 3.69 10.02 26.28
CA THR B 204 4.15 11.25 25.65
C THR B 204 4.83 10.92 24.34
N GLY B 205 4.85 11.90 23.44
CA GLY B 205 5.54 11.73 22.17
C GLY B 205 5.46 13.02 21.37
N SER B 206 6.17 13.04 20.24
CA SER B 206 6.22 14.22 19.37
C SER B 206 5.02 14.31 18.43
N SER B 207 4.16 13.31 18.44
CA SER B 207 2.93 13.29 17.67
C SER B 207 1.86 12.65 18.54
N ARG B 208 0.60 12.94 18.24
CA ARG B 208 -0.43 12.43 19.15
C ARG B 208 -0.47 10.91 19.12
N ARG B 209 -0.30 10.31 17.93
CA ARG B 209 -0.39 8.86 17.87
C ARG B 209 0.85 8.20 18.48
N LYS B 210 2.01 8.84 18.41
CA LYS B 210 3.16 8.31 19.14
C LYS B 210 2.88 8.28 20.64
N ALA B 211 2.32 9.37 21.17
CA ALA B 211 1.96 9.42 22.59
C ALA B 211 0.93 8.36 22.93
N GLU B 212 -0.07 8.17 22.06
CA GLU B 212 -1.08 7.14 22.28
C GLU B 212 -0.46 5.74 22.34
N GLN B 213 0.45 5.43 21.41
CA GLN B 213 1.13 4.14 21.42
C GLN B 213 1.89 3.94 22.73
N ALA B 214 2.62 4.97 23.17
CA ALA B 214 3.35 4.88 24.44
C ALA B 214 2.39 4.60 25.58
N ALA B 215 1.24 5.29 25.62
CA ALA B 215 0.26 5.03 26.67
C ALA B 215 -0.34 3.64 26.56
N ALA B 216 -0.69 3.21 25.35
CA ALA B 216 -1.20 1.84 25.19
C ALA B 216 -0.20 0.82 25.70
N GLU B 217 1.09 1.03 25.41
CA GLU B 217 2.12 0.13 25.89
C GLU B 217 2.11 0.04 27.41
N GLN B 218 1.95 1.17 28.08
CA GLN B 218 1.87 1.18 29.53
C GLN B 218 0.59 0.50 30.02
N ALA B 219 -0.52 0.72 29.34
CA ALA B 219 -1.78 0.13 29.79
C ALA B 219 -1.72 -1.38 29.73
N LEU B 220 -1.06 -1.93 28.71
CA LEU B 220 -0.97 -3.39 28.60
C LEU B 220 -0.16 -3.97 29.75
N LYS B 221 0.92 -3.28 30.15
CA LYS B 221 1.74 -3.76 31.25
C LYS B 221 1.00 -3.68 32.57
N LYS B 222 0.30 -2.56 32.82
CA LYS B 222 -0.42 -2.43 34.08
C LYS B 222 -1.61 -3.37 34.16
N LEU B 223 -2.22 -3.71 33.01
CA LEU B 223 -3.26 -4.74 33.03
C LEU B 223 -2.68 -6.12 33.27
N GLU B 224 -1.35 -6.22 33.36
CA GLU B 224 -0.65 -7.49 33.52
C GLU B 224 -0.91 -8.40 32.31
N LEU B 225 -1.14 -7.80 31.15
CA LEU B 225 -1.37 -8.57 29.94
C LEU B 225 -0.09 -8.94 29.24
N GLU B 226 1.00 -8.25 29.55
CA GLU B 226 2.29 -8.50 28.94
C GLU B 226 3.38 -8.39 30.02
#